data_9IO0
#
_entry.id   9IO0
#
loop_
_entity.id
_entity.type
_entity.pdbx_description
1 polymer "RNA (5'-R(*GP*GP*AP*UP*GP*GP*UP*UP*UP*CP*GP*AP*CP*CP*GP*AP*UP*CP*C)-3')"
2 non-polymer 1-cyclopropyl-N-[3-(dimethylamino)propyl]-7-(4-ethylpiperazin-1-yl)-6-fluoranyl-4-oxidanylidene-quinoline-3-carboxamide
#
_entity_poly.entity_id   1
_entity_poly.type   'polyribonucleotide'
_entity_poly.pdbx_seq_one_letter_code
;GGAUGGUUUCGACCGAUCC
;
_entity_poly.pdbx_strand_id   A
#
loop_
_chem_comp.id
_chem_comp.type
_chem_comp.name
_chem_comp.formula
53D non-polymer 1-cyclopropyl-N-[3-(dimethylamino)propyl]-7-(4-ethylpiperazin-1-yl)-6-fluoranyl-4-oxidanylidene-quinoline-3-carboxamide 'C24 H34 F N5 O2'
A RNA linking ADENOSINE-5'-MONOPHOSPHATE 'C10 H14 N5 O7 P'
C RNA linking CYTIDINE-5'-MONOPHOSPHATE 'C9 H14 N3 O8 P'
G RNA linking GUANOSINE-5'-MONOPHOSPHATE 'C10 H14 N5 O8 P'
U RNA linking URIDINE-5'-MONOPHOSPHATE 'C9 H13 N2 O9 P'
#
# COMPACT_ATOMS: atom_id res chain seq x y z
C5 53D B . 0.29 -1.16 -1.42
C2 53D B . -0.35 0.04 1.07
C7 53D B . -0.73 0.62 2.29
N14 53D B . -1.03 0.47 4.75
C13 53D B . 0.00 3.12 0.32
C8 53D B . -0.63 -0.12 3.44
C4 53D B . 0.47 -1.95 -0.22
C3 53D B . 0.10 -1.28 1.04
C21 53D B . -2.18 5.28 6.12
C20 53D B . -1.91 3.79 6.01
C18 53D B . -0.14 2.81 4.49
N17 53D B . -1.53 3.38 4.56
C16 53D B . -2.50 2.37 3.98
C19 53D B . -0.03 1.50 5.26
C15 53D B . -2.44 1.05 4.73
C12 53D B . -0.29 3.15 -1.16
C28 53D B . 3.27 -2.67 -7.01
C29 53D B . 1.97 -4.05 -8.61
N27 53D B . 1.93 -3.32 -7.29
C26 53D B . 1.48 -4.24 -6.17
C25 53D B . 1.02 -3.48 -4.92
C24 53D B . 2.13 -2.56 -4.42
O22 53D B . -0.41 -1.89 -3.55
N23 53D B . 1.82 -1.88 -3.18
C11 53D B . -0.89 2.08 -0.32
C22 53D B . 0.55 -1.65 -2.80
O4 53D B . 0.87 -3.11 -0.20
F9 53D B . -0.09 -2.12 4.59
C6 53D B . -0.14 0.11 -1.29
N1 53D B . -0.44 0.72 -0.14
C10 53D B . 0.19 -2.02 2.22
C9 53D B . -0.17 -1.43 3.40
H7 53D B . -1.10 1.66 2.34
H132 53D B . -0.52 3.88 0.93
H131 53D B . 0.98 3.02 0.89
H211 53D B . -2.76 5.61 5.23
H213 53D B . -1.22 5.84 6.18
H212 53D B . -2.78 5.48 7.05
H202 53D B . -2.81 3.23 6.32
H201 53D B . -1.03 3.56 6.67
H181 53D B . 0.14 2.64 3.44
H182 53D B . 0.56 3.55 4.97
H161 53D B . -3.53 2.79 4.08
H162 53D B . -2.24 2.19 2.92
H192 53D B . 1.00 1.10 5.13
H191 53D B . -0.24 1.70 6.33
H152 53D B . -2.76 1.22 5.78
H151 53D B . -3.13 0.33 4.24
H121 53D B . -0.93 3.94 -1.55
H122 53D B . 0.31 3.18 -2.05
H282 53D B . 4.27 -2.81 -7.47
H281 53D B . 3.07 -2.26 -8.02
H283 53D B . 3.48 -3.71 -6.66
H291 53D B . 2.57 -3.47 -9.34
H293 53D B . 2.42 -5.05 -8.47
H292 53D B . 0.92 -4.16 -9.00
H261 53D B . 2.36 -4.86 -5.87
H262 53D B . 0.64 -4.86 -6.54
H252 53D B . 0.77 -4.22 -4.13
H251 53D B . 0.12 -2.88 -5.17
H242 53D B . 2.28 -1.77 -5.19
H241 53D B . 3.06 -3.16 -4.27
H23 53D B . 2.57 -1.64 -2.54
H11 53D B . -1.91 1.75 -0.18
H6 53D B . -0.28 0.77 -2.16
H10 53D B . 0.55 -3.05 2.21
C5 53D B . 0.52 -1.41 -1.64
C2 53D B . -0.21 -0.11 0.77
C7 53D B . -0.63 0.52 1.96
N14 53D B . -0.99 0.47 4.42
C13 53D B . 0.07 2.92 -0.11
C8 53D B . -0.54 -0.17 3.15
C4 53D B . 0.70 -2.14 -0.41
C3 53D B . 0.28 -1.42 0.83
C21 53D B . -3.15 4.99 5.20
C20 53D B . -2.14 3.85 5.32
C18 53D B . -0.29 2.84 3.95
N17 53D B . -1.72 3.29 3.94
C16 53D B . -2.61 2.16 3.48
C19 53D B . -0.07 1.62 4.84
C15 53D B . -2.45 0.92 4.36
C12 53D B . -0.20 2.89 -1.59
C28 53D B . 2.97 -3.74 -6.74
C29 53D B . 1.18 -2.36 -7.77
N27 53D B . 1.67 -3.76 -7.50
C26 53D B . 0.60 -4.60 -6.82
C25 53D B . 0.45 -4.30 -5.32
C24 53D B . 0.01 -2.85 -5.11
O22 53D B . 1.96 -1.79 -3.46
N23 53D B . -0.16 -2.51 -3.71
C11 53D B . -0.79 1.84 -0.71
C22 53D B . 0.82 -1.95 -2.99
O4 53D B . 1.13 -3.29 -0.31
F9 53D B . 0.03 -2.11 4.41
C6 53D B . 0.04 -0.15 -1.57
N1 53D B . -0.29 0.51 -0.46
C10 53D B . 0.37 -2.10 2.05
C9 53D B . -0.04 -1.46 3.18
H7 53D B . -1.04 1.54 1.95
H132 53D B . -0.49 3.69 0.46
H131 53D B . 1.03 2.88 0.48
H211 53D B . -3.88 4.75 4.40
H213 53D B . -2.61 5.93 4.95
H212 53D B . -3.69 5.11 6.16
H202 53D B . -2.60 3.03 5.91
H201 53D B . -1.24 4.25 5.81
H181 53D B . 0.03 2.59 2.92
H182 53D B . 0.34 3.68 4.36
H161 53D B . -3.67 2.50 3.54
H162 53D B . -2.35 1.89 2.43
H192 53D B . 0.98 1.29 4.76
H191 53D B . -0.33 1.90 5.89
H152 53D B . -2.77 1.18 5.39
H151 53D B . -3.07 0.10 3.94
H121 53D B . -0.85 3.64 -2.03
H122 53D B . 0.42 2.90 -2.48
H282 53D B . 2.95 -2.91 -5.99
H281 53D B . 3.82 -3.57 -7.44
H283 53D B . 3.12 -4.71 -6.22
H291 53D B . 1.40 -1.71 -6.88
H293 53D B . 1.70 -1.95 -8.66
H292 53D B . 0.09 -2.38 -7.95
H261 53D B . 0.90 -5.66 -6.91
H262 53D B . -0.38 -4.39 -7.31
H252 53D B . 1.43 -4.47 -4.82
H251 53D B . -0.31 -4.98 -4.90
H242 53D B . -0.97 -2.72 -5.61
H241 53D B . 0.80 -2.18 -5.54
H23 53D B . -1.07 -2.65 -3.28
H11 53D B . -1.80 1.48 -0.57
H6 53D B . -0.09 0.46 -2.48
H10 53D B . 0.76 -3.12 2.08
C5 53D B . 0.44 -1.34 -1.33
C2 53D B . -0.39 0.00 1.04
C7 53D B . -0.84 0.64 2.20
N14 53D B . -1.30 0.64 4.62
C13 53D B . -0.03 3.02 0.11
C8 53D B . -0.81 -0.03 3.39
C4 53D B . 0.56 -2.05 -0.08
C3 53D B . 0.10 -1.32 1.12
C21 53D B . -1.72 5.33 5.80
C20 53D B . -2.45 4.05 5.44
C18 53D B . -0.54 2.99 4.17
N17 53D B . -1.97 3.46 4.09
C16 53D B . -2.86 2.34 3.60
C19 53D B . -0.39 1.79 5.08
C15 53D B . -2.75 1.12 4.50
C12 53D B . -0.25 2.96 -1.37
C28 53D B . 4.48 -5.52 -6.91
C29 53D B . 4.44 -5.40 -4.44
N27 53D B . 3.97 -4.74 -5.72
C26 53D B . 2.46 -4.55 -5.74
C25 53D B . 1.91 -3.91 -4.46
C24 53D B . 2.55 -2.53 -4.26
O22 53D B . -0.07 -2.51 -3.32
N23 53D B . 2.07 -1.82 -3.08
C11 53D B . -0.88 1.93 -0.51
C22 53D B . 0.80 -1.90 -2.66
O4 53D B . 0.99 -3.21 0.05
F9 53D B . -0.31 -1.94 4.69
C6 53D B . -0.03 -0.07 -1.31
N1 53D B . -0.40 0.60 -0.21
C10 53D B . 0.13 -1.97 2.35
C9 53D B . -0.32 -1.32 3.46
H7 53D B . -1.23 1.67 2.15
H132 53D B . -0.61 3.80 0.64
H131 53D B . 0.90 2.98 0.74
H211 53D B . -1.60 5.96 4.88
H213 53D B . -0.72 5.09 6.22
H212 53D B . -2.32 5.90 6.56
H202 53D B . -3.53 4.25 5.38
H201 53D B . -2.22 3.30 6.23
H181 53D B . -0.19 2.73 3.14
H182 53D B . 0.07 3.82 4.59
H161 53D B . -3.92 2.70 3.62
H162 53D B . -2.55 2.06 2.57
H192 53D B . 0.66 1.43 5.04
H191 53D B . -0.68 2.08 6.11
H152 53D B . -3.12 1.38 5.52
H151 53D B . -3.36 0.30 4.07
H121 53D B . -0.87 3.70 -1.85
H122 53D B . 0.41 2.95 -2.24
H282 53D B . 5.54 -5.23 -7.12
H281 53D B . 3.85 -5.29 -7.79
H283 53D B . 4.43 -6.60 -6.68
H291 53D B . 5.48 -5.08 -4.21
H293 53D B . 3.76 -5.09 -3.60
H292 53D B . 4.40 -6.50 -4.55
H261 53D B . 2.01 -5.56 -5.82
H262 53D B . 2.20 -3.91 -6.61
H252 53D B . 2.14 -4.56 -3.59
H251 53D B . 0.81 -3.80 -4.57
H242 53D B . 2.29 -1.91 -5.14
H241 53D B . 3.65 -2.66 -4.16
H23 53D B . 2.75 -1.30 -2.52
H11 53D B . -1.90 1.58 -0.40
H6 53D B . -0.12 0.51 -2.22
H10 53D B . 0.51 -3.01 2.43
C5 53D B . 0.29 -1.34 -0.70
C2 53D B . -0.33 0.43 1.44
C7 53D B . -0.69 1.29 2.49
N14 53D B . -1.06 1.75 4.88
C13 53D B . 0.22 3.23 0.03
C8 53D B . -0.66 0.82 3.78
C4 53D B . 0.40 -1.85 0.65
C3 53D B . 0.04 -0.89 1.73
C21 53D B . -2.36 1.89 9.66
C20 53D B . -1.50 2.20 8.44
C18 53D B . -2.07 0.38 6.79
N17 53D B . -1.01 0.92 7.72
C16 53D B . 0.27 1.13 6.97
C19 53D B . -2.33 1.32 5.61
C15 53D B . 0.10 2.11 5.83
C12 53D B . -0.03 2.95 -1.41
C28 53D B . -0.09 -7.40 -2.16
C29 53D B . -0.93 -7.54 -4.49
N27 53D B . -1.17 -6.95 -3.11
C26 53D B . -1.30 -5.44 -3.19
C25 53D B . -0.12 -4.76 -3.86
C24 53D B . -0.33 -3.24 -3.91
O22 53D B . 1.70 -2.21 -2.37
N23 53D B . -0.50 -2.66 -2.59
C11 53D B . -0.72 2.13 -0.39
C22 53D B . 0.54 -2.12 -1.93
O4 53D B . 0.73 -2.99 0.95
F9 53D B . -0.26 -0.91 5.36
C6 53D B . -0.07 -0.04 -0.87
N1 53D B . -0.34 0.83 0.11
C10 53D B . 0.08 -1.33 3.04
C9 53D B . -0.27 -0.48 4.05
H7 53D B . -0.99 2.33 2.28
H132 53D B . -0.28 4.13 0.44
H131 53D B . 1.17 3.21 0.65
H211 53D B . -3.38 1.64 9.33
H213 53D B . -2.37 2.78 10.33
H212 53D B . -1.91 1.02 10.20
H202 53D B . -0.61 2.79 8.76
H201 53D B . -2.13 2.77 7.71
H181 53D B . -1.74 -0.60 6.40
H182 53D B . -3.01 0.27 7.36
H161 53D B . 1.03 1.55 7.67
H162 53D B . 0.63 0.15 6.55
H192 53D B . -3.00 0.81 4.89
H191 53D B . -2.82 2.24 6.02
H152 53D B . -0.12 3.12 6.27
H151 53D B . 1.04 2.15 5.23
H121 53D B . -0.62 3.66 -1.99
H122 53D B . 0.58 2.75 -2.28
H282 53D B . -0.33 -8.42 -1.78
H281 53D B . -0.04 -6.70 -1.30
H283 53D B . 0.89 -7.43 -2.69
H291 53D B . 0.16 -7.55 -4.71
H293 53D B . -1.33 -8.58 -4.52
H292 53D B . -1.45 -6.92 -5.25
H261 53D B . -1.35 -5.07 -2.13
H262 53D B . -2.22 -5.20 -3.76
H252 53D B . -0.01 -5.16 -4.91
H251 53D B . 0.82 -4.98 -3.29
H242 53D B . -1.28 -3.06 -4.48
H241 53D B . 0.55 -2.77 -4.40
H23 53D B . -1.42 -2.59 -2.20
H11 53D B . -1.76 1.89 -0.20
H6 53D B . -0.15 0.40 -1.87
H10 53D B . 0.37 -2.37 3.28
C5 53D B . 0.37 -1.14 -1.25
C2 53D B . -0.19 0.33 1.11
C7 53D B . -0.52 1.04 2.28
N14 53D B . -0.77 1.17 4.73
C13 53D B . 0.21 3.30 0.04
C8 53D B . -0.41 0.42 3.50
C4 53D B . 0.56 -1.81 0.02
C3 53D B . 0.24 -1.00 1.22
C21 53D B . -1.56 3.82 5.57
C20 53D B . -1.34 3.59 7.05
C18 53D B . -2.24 1.22 6.80
N17 53D B . -1.14 2.09 7.40
C16 53D B . 0.23 1.58 7.05
C19 53D B . -1.79 0.42 5.57
C15 53D B . 0.47 1.59 5.54
C12 53D B . -0.11 3.20 -1.42
C28 53D B . -0.71 -7.01 -6.06
C29 53D B . 1.69 -6.43 -5.76
N27 53D B . 0.40 -6.07 -6.46
C26 53D B . 0.04 -4.60 -6.23
C25 53D B . -0.02 -4.23 -4.75
C24 53D B . -0.37 -2.74 -4.60
O22 53D B . 1.70 -1.70 -3.11
N23 53D B . -0.47 -2.32 -3.22
C11 53D B . -0.72 2.23 -0.47
C22 53D B . 0.58 -1.77 -2.58
O4 53D B . 0.94 -2.97 0.15
F9 53D B . 0.12 -1.46 4.84
C6 53D B . -0.04 0.16 -1.24
N1 53D B . -0.29 0.88 -0.15
C10 53D B . 0.35 -1.61 2.47
C9 53D B . 0.02 -0.88 3.59
H7 53D B . -0.86 2.09 2.21
H132 53D B . -0.29 4.13 0.58
H131 53D B . 1.18 3.24 0.60
H211 53D B . -2.04 4.82 5.42
H213 53D B . -2.22 3.02 5.16
H212 53D B . -0.58 3.80 5.04
H202 53D B . -2.23 3.97 7.60
H201 53D B . -0.41 4.12 7.35
H181 53D B . -2.59 0.51 7.57
H182 53D B . -3.06 1.91 6.48
H161 53D B . 0.98 2.26 7.51
H162 53D B . 0.35 0.54 7.43
H192 53D B . -1.35 -0.54 5.92
H191 53D B . -2.70 0.23 4.95
H152 53D B . 0.75 2.61 5.24
H151 53D B . 1.30 0.87 5.31
H121 53D B . -0.75 3.94 -1.88
H122 53D B . 0.47 3.11 -2.33
H282 53D B . -0.63 -7.95 -6.65
H281 53D B . -1.70 -6.53 -6.24
H283 53D B . -0.61 -7.25 -4.97
H291 53D B . 1.47 -6.75 -4.72
H293 53D B . 2.19 -7.26 -6.31
H292 53D B . 2.36 -5.54 -5.74
H261 53D B . -0.97 -4.43 -6.66
H262 53D B . 0.81 -3.97 -6.72
H252 53D B . 0.97 -4.43 -4.27
H251 53D B . -0.80 -4.84 -4.25
H242 53D B . -1.37 -2.59 -5.07
H241 53D B . 0.42 -2.14 -5.10
H23 53D B . -1.36 -2.37 -2.75
H11 53D B . -1.74 1.93 -0.26
H6 53D B . -0.19 0.71 -2.18
H10 53D B . 0.68 -2.65 2.56
C5 53D B . 0.39 -1.15 -1.80
C2 53D B . -0.31 0.07 0.66
C7 53D B . -0.71 0.66 1.87
N14 53D B . -1.03 0.53 4.33
C13 53D B . -0.06 3.13 -0.14
C8 53D B . -0.60 -0.07 3.04
C4 53D B . 0.59 -1.91 -0.61
C3 53D B . 0.19 -1.24 0.66
C21 53D B . -2.04 3.33 6.36
C20 53D B . -2.51 3.98 5.07
C18 53D B . -0.52 2.97 3.86
N17 53D B . -2.00 3.27 3.79
C16 53D B . -2.81 2.05 3.44
C19 53D B . -0.18 1.75 4.71
C15 53D B . -2.51 0.88 4.36
C12 53D B . -0.37 3.14 -1.60
C28 53D B . 3.51 -0.03 -8.71
C29 53D B . 1.11 -0.63 -8.82
N27 53D B . 2.51 -1.16 -8.66
C26 53D B . 2.63 -2.00 -7.39
C25 53D B . 2.17 -1.25 -6.14
C24 53D B . 2.31 -2.17 -4.91
O22 53D B . -0.22 -2.22 -3.81
N23 53D B . 1.92 -1.52 -3.67
C11 53D B . -0.93 2.06 -0.76
C22 53D B . 0.67 -1.64 -3.18
O4 53D B . 1.04 -3.06 -0.54
F9 53D B . 0.01 -2.03 4.22
C6 53D B . -0.09 0.12 -1.70
N1 53D B . -0.42 0.72 -0.55
C10 53D B . 0.30 -1.95 1.85
C9 53D B . -0.09 -1.36 3.02
H7 53D B . -1.13 1.67 1.90
H132 53D B . -0.61 3.88 0.47
H131 53D B . 0.91 3.07 0.44
H211 53D B . -2.23 4.02 7.22
H213 53D B . -0.94 3.13 6.29
H212 53D B . -2.58 2.38 6.52
H202 53D B . -2.16 5.05 5.06
H201 53D B . -3.63 3.93 5.07
H181 53D B . -0.15 2.78 2.83
H182 53D B . -0.01 3.84 4.31
H161 53D B . -3.88 2.31 3.53
H162 53D B . -2.56 1.76 2.39
H192 53D B . 0.89 1.50 4.59
H191 53D B . -0.40 2.00 5.78
H152 53D B . -2.79 1.16 5.39
H151 53D B . -3.10 0.00 4.02
H121 53D B . -1.03 3.90 -2.01
H122 53D B . 0.24 3.18 -2.51
H282 53D B . 3.72 0.22 -9.78
H281 53D B . 4.45 -0.36 -8.21
H283 53D B . 3.09 0.85 -8.18
H291 53D B . 0.89 -0.48 -9.91
H293 53D B . 0.38 -1.36 -8.40
H292 53D B . 1.01 0.35 -8.29
H261 53D B . 3.70 -2.25 -7.26
H262 53D B . 2.00 -2.91 -7.50
H252 53D B . 1.11 -0.94 -6.25
H251 53D B . 2.81 -0.35 -5.99
H242 53D B . 3.39 -2.44 -4.81
H241 53D B . 1.66 -3.06 -5.06
H23 53D B . 2.61 -1.01 -3.13
H11 53D B . -1.94 1.69 -0.61
H6 53D B . -0.25 0.74 -2.58
H10 53D B . 0.71 -2.97 1.86
C5 53D B . 0.42 -1.20 -1.87
C2 53D B . -0.25 0.07 0.58
C7 53D B . -0.64 0.67 1.79
N14 53D B . -0.90 0.60 4.25
C13 53D B . -0.06 3.11 -0.29
C8 53D B . -0.48 -0.02 2.97
C4 53D B . 0.65 -1.93 -0.66
C3 53D B . 0.27 -1.24 0.60
C21 53D B . -2.88 5.23 5.15
C20 53D B . -2.07 3.95 5.23
C18 53D B . -0.25 2.99 3.78
N17 53D B . -1.70 3.41 3.83
C16 53D B . -2.58 2.26 3.40
C19 53D B . 0.02 1.77 4.65
C15 53D B . -2.36 1.03 4.26
C12 53D B . -0.39 3.08 -1.75
C28 53D B . 1.09 -0.62 -8.87
C29 53D B . 2.59 -2.25 -9.98
N27 53D B . 2.40 -1.36 -8.77
C26 53D B . 2.55 -2.15 -7.48
C25 53D B . 2.12 -1.38 -6.23
C24 53D B . 2.28 -2.27 -4.99
O22 53D B . -0.22 -2.32 -3.85
N23 53D B . 1.91 -1.59 -3.76
C11 53D B . -0.92 2.01 -0.87
C22 53D B . 0.68 -1.71 -3.24
O4 53D B . 1.12 -3.07 -0.59
F9 53D B . 0.17 -1.95 4.18
C6 53D B . -0.08 0.05 -1.78
N1 53D B . -0.38 0.70 -0.65
C10 53D B . 0.41 -1.92 1.81
C9 53D B . 0.04 -1.31 2.97
H7 53D B . -1.05 1.69 1.80
H132 53D B . -0.61 3.87 0.31
H131 53D B . 0.92 3.08 0.26
H211 53D B . -3.43 5.39 6.11
H213 53D B . -3.61 5.17 4.31
H212 53D B . -2.19 6.10 4.97
H202 53D B . -2.68 3.17 5.76
H201 53D B . -1.13 4.18 5.78
H181 53D B . 0.02 2.75 2.73
H182 53D B . 0.37 3.83 4.18
H161 53D B . -3.64 2.59 3.51
H162 53D B . -2.35 2.01 2.33
H192 53D B . 1.08 1.45 4.52
H191 53D B . -0.20 2.03 5.71
H152 53D B . -2.65 1.28 5.30
H151 53D B . -2.98 0.20 3.86
H121 53D B . -1.06 3.83 -2.16
H122 53D B . 0.19 3.11 -2.67
H282 53D B . 0.78 -0.29 -7.85
H281 53D B . 0.31 -1.28 -9.29
H283 53D B . 1.22 0.27 -9.53
H291 53D B . 2.98 -1.65 -10.82
H293 53D B . 3.30 -3.06 -9.73
H292 53D B . 1.61 -2.70 -10.26
H261 53D B . 3.62 -2.39 -7.36
H262 53D B . 1.92 -3.07 -7.56
H252 53D B . 1.05 -1.09 -6.34
H251 53D B . 2.75 -0.47 -6.12
H242 53D B . 3.37 -2.52 -4.91
H241 53D B . 1.64 -3.17 -5.10
H23 53D B . 2.62 -1.07 -3.25
H11 53D B . -1.91 1.63 -0.69
H6 53D B . -0.26 0.66 -2.68
H10 53D B . 0.83 -2.94 1.83
C5 53D B . 0.17 -1.21 -1.01
C2 53D B . -0.52 0.49 1.16
C7 53D B . -0.91 1.32 2.22
N14 53D B . -1.28 1.67 4.64
C13 53D B . -0.07 3.33 -0.20
C8 53D B . -0.86 0.82 3.51
C4 53D B . 0.30 -1.75 0.32
C3 53D B . -0.10 -0.83 1.42
C21 53D B . -2.30 1.23 8.26
C20 53D B . -1.32 2.10 7.50
C18 53D B . -1.05 3.93 5.78
N17 53D B . -2.02 3.22 6.69
C16 53D B . -3.21 2.73 5.90
C19 53D B . -0.58 3.04 4.63
C15 53D B . -2.79 1.82 4.74
C12 53D B . -0.33 3.08 -1.65
C28 53D B . 4.54 -4.11 -7.40
C29 53D B . 3.95 -4.86 -5.11
N27 53D B . 3.90 -3.72 -6.09
C26 53D B . 2.47 -3.22 -6.27
C25 53D B . 2.04 -2.23 -5.19
C24 53D B . 2.09 -2.91 -3.81
O22 53D B . -0.46 -2.61 -2.81
N23 53D B . 1.71 -2.01 -2.73
C11 53D B . -0.98 2.21 -0.64
C22 53D B . 0.45 -1.97 -2.27
O4 53D B . 0.67 -2.89 0.59
F9 53D B . -0.39 -0.92 5.05
C6 53D B . -0.24 0.08 -1.16
N1 53D B . -0.55 0.91 -0.17
C10 53D B . -0.04 -1.31 2.72
C9 53D B . -0.42 -0.48 3.74
H7 53D B . -1.25 2.34 2.04
H132 53D B . -0.60 4.21 0.24
H131 53D B . 0.88 3.33 0.42
H211 53D B . -2.61 1.75 9.20
H213 53D B . -1.82 0.26 8.52
H212 53D B . -3.21 1.04 7.64
H202 53D B . -0.74 1.45 6.79
H201 53D B . -0.65 2.59 8.24
H181 53D B . -1.54 4.83 5.35
H182 53D B . -0.15 4.21 6.37
H161 53D B . -3.86 2.14 6.57
H162 53D B . -3.75 3.60 5.48
H192 53D B . -0.80 3.54 3.66
H191 53D B . 0.52 2.87 4.74
H152 53D B . -3.23 0.81 4.91
H151 53D B . -3.17 2.27 3.79
H121 53D B . -0.93 3.77 -2.20
H122 53D B . 0.30 2.91 -2.52
H282 53D B . 5.64 -4.00 -7.32
H281 53D B . 4.16 -3.46 -8.22
H283 53D B . 4.28 -5.17 -7.63
H291 53D B . 4.95 -4.87 -4.61
H293 53D B . 3.16 -4.73 -4.34
H292 53D B . 3.80 -5.82 -5.64
H261 53D B . 1.80 -4.10 -6.19
H262 53D B . 2.39 -2.71 -7.26
H252 53D B . 1.00 -1.89 -5.39
H251 53D B . 2.73 -1.35 -5.20
H242 53D B . 3.14 -3.21 -3.62
H241 53D B . 1.39 -3.77 -3.81
H23 53D B . 2.43 -1.46 -2.28
H11 53D B . -2.00 1.92 -0.45
H6 53D B . -0.35 0.53 -2.15
H10 53D B . 0.29 -2.33 2.93
C5 53D B . 0.38 -1.08 -1.40
C2 53D B . -0.25 0.32 0.99
C7 53D B . -0.61 0.99 2.17
N14 53D B . -0.90 1.06 4.62
C13 53D B . 0.04 3.31 -0.01
C8 53D B . -0.49 0.34 3.37
C4 53D B . 0.59 -1.77 -0.16
C3 53D B . 0.22 -1.00 1.06
C21 53D B . -2.56 4.64 6.21
C20 53D B . -2.36 3.20 5.77
C18 53D B . -2.08 0.93 6.84
N17 53D B . -1.60 2.36 6.82
C16 53D B . -0.11 2.39 6.62
C19 53D B . -1.69 0.17 5.58
C15 53D B . 0.29 1.72 5.31
C12 53D B . -0.28 3.24 -1.47
C28 53D B . 1.79 -6.33 -5.89
C29 53D B . 0.97 -6.05 -8.22
N27 53D B . 0.65 -5.86 -6.75
C26 53D B . 0.23 -4.42 -6.47
C25 53D B . 0.14 -4.08 -4.98
C24 53D B . -0.27 -2.62 -4.80
O22 53D B . 1.75 -1.53 -3.27
N23 53D B . -0.39 -2.22 -3.41
C11 53D B . -0.85 2.22 -0.54
C22 53D B . 0.63 -1.66 -2.75
O4 53D B . 1.01 -2.91 -0.03
F9 53D B . 0.10 -1.56 4.68
C6 53D B . -0.07 0.21 -1.37
N1 53D B . -0.36 0.89 -0.26
C10 53D B . 0.35 -1.63 2.30
C9 53D B . -0.01 -0.96 3.43
H7 53D B . -1.00 2.02 2.13
H132 53D B . -0.49 4.11 0.55
H131 53D B . 1.01 3.28 0.56
H211 53D B . -2.77 5.28 5.33
H213 53D B . -1.65 5.00 6.72
H212 53D B . -3.43 4.69 6.92
H202 53D B . -1.78 3.20 4.82
H201 53D B . -3.36 2.74 5.62
H181 53D B . -1.65 0.42 7.72
H182 53D B . -3.20 0.95 6.90
H161 53D B . 0.22 3.45 6.59
H162 53D B . 0.38 1.85 7.46
H192 53D B . -1.06 -0.70 5.87
H191 53D B . -2.61 -0.17 5.06
H152 53D B . 0.69 2.52 4.63
H151 53D B . 1.07 0.96 5.52
H121 53D B . -0.93 3.98 -1.91
H122 53D B . 0.32 3.21 -2.37
H282 53D B . 1.73 -7.44 -5.77
H281 53D B . 1.73 -5.85 -4.89
H283 53D B . 2.75 -6.06 -6.38
H291 53D B . 0.33 -5.37 -8.82
H293 53D B . 2.03 -5.82 -8.39
H292 53D B . 0.76 -7.10 -8.50
H261 53D B . -0.79 -4.28 -6.91
H262 53D B . 0.97 -3.74 -6.94
H252 53D B . 1.12 -4.26 -4.51
H251 53D B . -0.62 -4.74 -4.50
H242 53D B . -1.27 -2.49 -5.27
H241 53D B . 0.51 -1.97 -5.29
H23 53D B . -1.29 -2.33 -2.95
H11 53D B . -1.86 1.89 -0.35
H6 53D B . -0.23 0.77 -2.29
H10 53D B . 0.73 -2.66 2.36
C5 53D B . 0.16 -1.09 -1.00
C2 53D B . -0.58 0.60 1.15
C7 53D B . -0.99 1.44 2.21
N14 53D B . -1.43 1.79 4.61
C13 53D B . -0.06 3.46 -0.18
C8 53D B . -0.98 0.94 3.49
C4 53D B . 0.24 -1.63 0.33
C3 53D B . -0.17 -0.70 1.42
C21 53D B . -1.62 2.37 8.94
C20 53D B . -1.55 2.16 7.44
C18 53D B . -1.20 4.02 5.78
N17 53D B . -2.21 3.32 6.64
C16 53D B . -3.39 2.86 5.81
C19 53D B . -0.72 3.15 4.63
C15 53D B . -2.95 1.96 4.66
C12 53D B . -0.27 3.20 -1.64
C28 53D B . 1.39 -1.71 -7.93
C29 53D B . 2.80 -3.62 -8.63
N27 53D B . 2.62 -2.52 -7.59
C26 53D B . 2.60 -3.10 -6.20
C25 53D B . 2.14 -2.11 -5.13
C24 53D B . 2.14 -2.79 -3.74
O22 53D B . -0.43 -2.47 -2.82
N23 53D B . 1.74 -1.90 -2.67
C11 53D B . -0.96 2.35 -0.65
C22 53D B . 0.47 -1.84 -2.25
O4 53D B . 0.59 -2.77 0.62
F9 53D B . -0.59 -0.81 5.04
C6 53D B . -0.24 0.20 -1.15
N1 53D B . -0.56 1.04 -0.17
C10 53D B . -0.16 -1.19 2.73
C9 53D B . -0.57 -0.36 3.74
H7 53D B . -1.32 2.47 2.02
H132 53D B . -0.59 4.33 0.25
H131 53D B . 0.88 3.45 0.45
H211 53D B . -1.48 1.39 9.46
H213 53D B . -2.61 2.80 9.21
H212 53D B . -0.81 3.07 9.24
H202 53D B . -2.09 1.21 7.19
H201 53D B . -0.49 2.10 7.14
H181 53D B . -1.67 4.94 5.35
H182 53D B . -0.32 4.28 6.41
H161 53D B . -4.08 2.29 6.46
H162 53D B . -3.89 3.77 5.39
H192 53D B . -0.92 3.67 3.67
H191 53D B . 0.37 2.97 4.76
H152 53D B . -3.41 0.95 4.82
H151 53D B . -3.29 2.39 3.70
H121 53D B . -0.86 3.92 -2.21
H122 53D B . 0.37 3.04 -2.50
H282 53D B . 1.64 -0.95 -8.70
H281 53D B . 1.03 -1.19 -7.01
H283 53D B . 0.58 -2.38 -8.31
H291 53D B . 3.43 -4.42 -8.20
H293 53D B . 1.82 -4.03 -8.92
H292 53D B . 3.32 -3.18 -9.52
H261 53D B . 3.64 -3.39 -5.94
H262 53D B . 1.90 -3.98 -6.17
H252 53D B . 1.12 -1.75 -5.36
H251 53D B . 2.84 -1.24 -5.11
H242 53D B . 3.19 -3.11 -3.53
H241 53D B . 1.44 -3.65 -3.77
H23 53D B . 2.45 -1.36 -2.19
H11 53D B . -2.00 2.08 -0.49
H6 53D B . -0.31 0.66 -2.15
H10 53D B . 0.15 -2.22 2.94
C5 53D B . 0.51 -1.11 -1.95
C2 53D B . -0.26 0.09 0.49
C7 53D B . -0.69 0.67 1.70
N14 53D B . -1.03 0.52 4.17
C13 53D B . -0.07 3.16 -0.31
C8 53D B . -0.57 -0.04 2.88
C4 53D B . 0.72 -1.87 -0.74
C3 53D B . 0.28 -1.20 0.51
C21 53D B . 0.91 4.81 2.17
C20 53D B . -0.34 4.58 3.01
C18 53D B . 0.15 2.74 4.64
N17 53D B . -0.56 3.10 3.35
C16 53D B . -2.03 2.74 3.42
C19 53D B . 0.08 1.24 4.94
C15 53D B . -2.30 1.37 4.05
C12 53D B . -0.36 3.16 -1.77
C28 53D B . 3.26 0.37 -8.58
C29 53D B . 4.17 2.14 -7.11
N27 53D B . 3.14 1.05 -7.24
C26 53D B . 3.20 0.10 -6.07
C25 53D B . 2.36 -1.17 -6.25
C24 53D B . 2.51 -2.08 -5.02
O22 53D B . -0.04 -2.20 -3.97
N23 53D B . 2.08 -1.44 -3.79
C11 53D B . -0.91 2.07 -0.93
C22 53D B . 0.83 -1.60 -3.33
O4 53D B . 1.19 -3.00 -0.68
F9 53D B . 0.08 -1.99 4.07
C6 53D B . 0.00 0.14 -1.85
N1 53D B . -0.36 0.74 -0.72
C10 53D B . 0.39 -1.90 1.70
C9 53D B . -0.03 -1.33 2.86
H7 53D B . -1.14 1.68 1.72
H132 53D B . -0.65 3.88 0.30
H131 53D B . 0.90 3.12 0.27
H211 53D B . 1.80 4.80 2.84
H213 53D B . 0.85 5.78 1.65
H212 53D B . 1.01 3.99 1.42
H202 53D B . -1.22 4.95 2.43
H201 53D B . -0.21 5.14 3.96
H181 53D B . 1.21 3.04 4.56
H182 53D B . -0.36 3.28 5.48
H161 53D B . -2.54 3.51 4.05
H162 53D B . -2.43 2.73 2.39
H192 53D B . 1.06 0.79 4.67
H191 53D B . -0.12 1.12 6.03
H152 53D B . -2.70 1.54 5.08
H151 53D B . -3.04 0.84 3.43
H121 53D B . -1.05 3.90 -2.18
H122 53D B . 0.24 3.21 -2.67
H282 53D B . 2.79 -0.64 -8.52
H281 53D B . 4.34 0.26 -8.84
H283 53D B . 2.74 0.98 -9.35
H291 53D B . 3.82 3.06 -7.62
H293 53D B . 4.34 2.37 -6.03
H292 53D B . 5.13 1.81 -7.57
H261 53D B . 2.79 0.63 -5.18
H262 53D B . 4.26 -0.20 -5.91
H252 53D B . 2.72 -1.72 -7.16
H251 53D B . 1.29 -0.89 -6.38
H242 53D B . 3.58 -2.32 -4.91
H241 53D B . 1.89 -2.99 -5.18
H23 53D B . 2.76 -0.92 -3.25
H11 53D B . -1.91 1.66 -0.79
H6 53D B . -0.17 0.75 -2.74
H10 53D B . 0.82 -2.93 1.71
#